data_3EC5
#
_entry.id   3EC5
#
_cell.length_a   53.073
_cell.length_b   35.876
_cell.length_c   92.606
_cell.angle_alpha   90.00
_cell.angle_beta   105.85
_cell.angle_gamma   90.00
#
_symmetry.space_group_name_H-M   'P 1 21 1'
#
loop_
_entity.id
_entity.type
_entity.pdbx_description
1 polymer 'Outer Surface Protein A'
2 non-polymer 'TETRAETHYLENE GLYCOL'
3 water water
#
_entity_poly.entity_id   1
_entity_poly.type   'polypeptide(L)'
_entity_poly.pdbx_seq_one_letter_code
;GSHMKNSVSVDLPGSMKVLVSKSSNADGKYDLIATVDALELSGTSDKNNGSGVLEGVKADASKVKLTISDDLGQTTLEVF
KSDGSTLVSKKVTSKDKSSTYELFNEKGELSLKYITRADKSSTYELFNEKGELSLKYITRADKSSTYELFNEKGELSEKK
ITRADKSSTYELFNEKGELSLKYITRADGTRLEYTGIKSDGSGKAKEVLKGYVLEGTLTAEKTTLVVKEGTVTLSKNISK
SGEVSVELNDTDSSAATKKTAAWNSGTSTLTITVNSKKTKDLVFTSSNTITVQQYDSNGTSLEGSAVEITKLDEIKNALK
;
_entity_poly.pdbx_strand_id   A
#
loop_
_chem_comp.id
_chem_comp.type
_chem_comp.name
_chem_comp.formula
PG4 non-polymer 'TETRAETHYLENE GLYCOL' 'C8 H18 O5'
#
# COMPACT_ATOMS: atom_id res chain seq x y z
N LYS A 5 1.23 43.87 -23.36
CA LYS A 5 1.93 43.78 -24.66
C LYS A 5 1.20 42.88 -25.58
N ASN A 6 1.56 42.88 -26.86
CA ASN A 6 1.04 41.81 -27.65
C ASN A 6 1.93 40.64 -27.22
N SER A 7 1.34 39.77 -26.39
CA SER A 7 2.01 38.54 -25.97
C SER A 7 1.17 37.33 -26.24
N VAL A 8 1.83 36.20 -26.42
CA VAL A 8 1.17 34.90 -26.55
C VAL A 8 1.41 34.02 -25.31
N SER A 9 0.39 33.48 -24.67
CA SER A 9 0.54 32.44 -23.62
C SER A 9 0.85 31.06 -24.20
N VAL A 10 1.88 30.42 -23.67
CA VAL A 10 2.28 29.09 -24.13
C VAL A 10 2.27 28.11 -22.92
N ASP A 11 1.68 26.94 -23.11
CA ASP A 11 1.59 25.92 -22.07
C ASP A 11 2.84 25.04 -22.16
N LEU A 12 3.40 24.70 -21.01
CA LEU A 12 4.69 24.03 -20.94
C LEU A 12 4.60 22.73 -20.15
N PRO A 13 5.49 21.78 -20.45
CA PRO A 13 5.58 20.60 -19.61
C PRO A 13 5.79 20.98 -18.17
N GLY A 14 4.98 20.39 -17.30
CA GLY A 14 5.15 20.57 -15.87
C GLY A 14 4.13 21.51 -15.30
N SER A 15 3.02 21.67 -16.01
CA SER A 15 1.94 22.56 -15.58
C SER A 15 2.43 23.99 -15.31
N MET A 16 3.19 24.51 -16.26
CA MET A 16 3.66 25.89 -16.28
C MET A 16 3.21 26.55 -17.59
N LYS A 17 3.13 27.88 -17.56
CA LYS A 17 2.76 28.72 -18.68
C LYS A 17 3.86 29.79 -18.85
N VAL A 18 4.27 30.07 -20.09
CA VAL A 18 5.13 31.22 -20.37
C VAL A 18 4.41 32.19 -21.34
N LEU A 19 4.72 33.49 -21.21
CA LEU A 19 4.20 34.51 -22.12
C LEU A 19 5.35 35.01 -22.93
N VAL A 20 5.20 34.98 -24.26
CA VAL A 20 6.28 35.35 -25.18
C VAL A 20 5.75 36.53 -25.98
N SER A 21 6.52 37.63 -26.08
CA SER A 21 6.14 38.81 -26.87
CA SER A 21 6.14 38.81 -26.87
C SER A 21 5.87 38.39 -28.31
N LYS A 22 4.84 38.91 -28.94
CA LYS A 22 4.64 38.58 -30.37
C LYS A 22 5.63 39.30 -31.28
N SER A 23 6.04 40.49 -30.88
CA SER A 23 6.97 41.30 -31.67
CA SER A 23 6.96 41.29 -31.68
C SER A 23 8.41 41.09 -31.24
N SER A 24 9.30 40.85 -32.22
CA SER A 24 10.71 40.91 -31.98
C SER A 24 11.21 42.31 -31.62
N ASN A 25 12.15 42.39 -30.69
CA ASN A 25 12.86 43.64 -30.43
C ASN A 25 13.89 44.03 -31.51
N ALA A 26 14.65 45.09 -31.26
CA ALA A 26 15.50 45.71 -32.29
C ALA A 26 16.57 44.72 -32.68
N ASP A 27 16.90 43.88 -31.70
CA ASP A 27 17.94 42.86 -31.87
C ASP A 27 17.41 41.54 -32.43
N GLY A 28 16.12 41.41 -32.71
CA GLY A 28 15.64 40.13 -33.27
C GLY A 28 15.23 39.13 -32.19
N LYS A 29 14.95 39.63 -30.97
CA LYS A 29 14.76 38.76 -29.80
C LYS A 29 13.43 38.99 -29.23
N TYR A 30 13.03 38.08 -28.33
CA TYR A 30 11.69 38.06 -27.77
C TYR A 30 11.77 38.00 -26.28
N ASP A 31 10.92 38.76 -25.62
CA ASP A 31 10.88 38.76 -24.19
C ASP A 31 9.95 37.69 -23.62
N LEU A 32 10.42 36.99 -22.59
CA LEU A 32 9.65 35.91 -21.98
C LEU A 32 9.35 36.23 -20.54
N ILE A 33 8.12 36.02 -20.09
CA ILE A 33 7.72 36.14 -18.63
C ILE A 33 6.90 34.94 -18.19
N ALA A 34 7.11 34.48 -16.95
CA ALA A 34 6.44 33.26 -16.45
C ALA A 34 6.43 33.29 -14.97
N THR A 35 5.29 32.94 -14.36
CA THR A 35 5.22 32.76 -12.92
C THR A 35 5.17 31.27 -12.56
N VAL A 36 6.12 30.83 -11.74
CA VAL A 36 6.21 29.43 -11.33
C VAL A 36 6.20 29.35 -9.81
N ASP A 37 5.18 28.69 -9.29
CA ASP A 37 4.88 28.72 -7.88
C ASP A 37 5.02 30.12 -7.29
N ALA A 38 4.32 31.06 -7.89
CA ALA A 38 4.10 32.44 -7.42
C ALA A 38 5.28 33.34 -7.75
N LEU A 39 6.35 32.79 -8.22
CA LEU A 39 7.48 33.66 -8.44
C LEU A 39 7.60 34.02 -9.91
N GLU A 40 7.69 35.31 -10.19
CA GLU A 40 7.85 35.80 -11.56
C GLU A 40 9.26 35.67 -12.08
N LEU A 41 9.39 34.99 -13.21
CA LEU A 41 10.68 34.81 -13.86
C LEU A 41 10.72 35.54 -15.20
N SER A 42 11.92 35.73 -15.77
CA SER A 42 12.05 36.58 -16.97
C SER A 42 13.29 36.21 -17.77
N GLY A 43 13.19 36.37 -19.09
CA GLY A 43 14.30 36.07 -19.99
C GLY A 43 14.13 36.79 -21.32
N THR A 44 15.05 36.51 -22.23
CA THR A 44 15.00 37.07 -23.53
C THR A 44 15.51 35.96 -24.33
N SER A 45 14.81 35.63 -25.39
CA SER A 45 15.19 34.47 -26.20
C SER A 45 15.44 34.84 -27.66
N ASP A 46 16.26 34.07 -28.38
CA ASP A 46 16.27 34.33 -29.80
C ASP A 46 15.10 33.63 -30.53
N LYS A 47 14.31 32.82 -29.81
CA LYS A 47 13.23 32.02 -30.43
C LYS A 47 11.94 32.65 -30.09
N ASN A 48 10.91 32.43 -30.91
CA ASN A 48 9.62 33.08 -30.64
C ASN A 48 8.45 32.22 -30.16
N ASN A 49 8.73 30.96 -29.83
CA ASN A 49 7.70 29.98 -29.49
C ASN A 49 7.51 29.69 -27.99
N GLY A 50 8.26 30.38 -27.14
CA GLY A 50 8.25 30.12 -25.70
C GLY A 50 9.51 29.43 -25.20
N SER A 51 10.38 28.92 -26.07
CA SER A 51 11.57 28.36 -25.55
C SER A 51 12.64 29.38 -25.13
N GLY A 52 13.58 28.91 -24.31
CA GLY A 52 14.65 29.76 -23.78
C GLY A 52 14.84 29.64 -22.26
N VAL A 53 15.34 30.72 -21.64
CA VAL A 53 15.80 30.69 -20.25
C VAL A 53 15.18 31.88 -19.59
N LEU A 54 14.63 31.64 -18.43
CA LEU A 54 14.08 32.71 -17.59
C LEU A 54 14.75 32.55 -16.21
N GLU A 55 14.81 33.64 -15.41
CA GLU A 55 15.53 33.66 -14.12
C GLU A 55 14.72 34.52 -13.23
N GLY A 56 14.90 34.40 -11.92
CA GLY A 56 14.11 35.10 -10.89
C GLY A 56 14.91 34.94 -9.61
N VAL A 57 14.63 35.76 -8.62
CA VAL A 57 15.29 35.62 -7.32
C VAL A 57 14.19 35.60 -6.25
N LYS A 58 14.28 34.64 -5.33
CA LYS A 58 13.30 34.49 -4.24
C LYS A 58 13.65 35.44 -3.12
N ALA A 59 12.70 35.71 -2.24
CA ALA A 59 12.93 36.58 -1.09
C ALA A 59 13.98 36.08 -0.10
N ASP A 60 14.33 34.79 -0.17
CA ASP A 60 15.40 34.24 0.65
C ASP A 60 16.76 34.25 -0.08
N ALA A 61 16.79 34.92 -1.25
CA ALA A 61 17.99 35.18 -2.05
C ALA A 61 18.34 33.96 -2.86
N SER A 62 17.50 32.94 -2.78
CA SER A 62 17.63 31.79 -3.68
C SER A 62 17.51 32.18 -5.16
N LYS A 63 18.31 31.56 -6.04
CA LYS A 63 18.23 31.88 -7.45
C LYS A 63 17.56 30.75 -8.23
N VAL A 64 16.66 31.11 -9.13
CA VAL A 64 15.82 30.19 -9.91
C VAL A 64 16.06 30.37 -11.40
N LYS A 65 16.38 29.27 -12.09
CA LYS A 65 16.56 29.24 -13.54
C LYS A 65 15.55 28.25 -14.14
N LEU A 66 14.71 28.72 -15.07
CA LEU A 66 13.87 27.83 -15.91
C LEU A 66 14.40 27.76 -17.33
N THR A 67 14.81 26.56 -17.80
CA THR A 67 15.21 26.29 -19.21
C THR A 67 14.17 25.46 -19.91
N ILE A 68 13.71 25.97 -21.07
CA ILE A 68 12.67 25.36 -21.91
C ILE A 68 13.33 24.96 -23.24
N SER A 69 13.30 23.69 -23.60
CA SER A 69 13.96 23.21 -24.79
C SER A 69 13.31 23.82 -26.04
N ASP A 70 14.05 23.85 -27.14
CA ASP A 70 13.61 24.45 -28.43
C ASP A 70 12.18 24.04 -28.87
N ASP A 71 11.85 22.77 -28.71
CA ASP A 71 10.59 22.20 -29.22
C ASP A 71 9.50 22.13 -28.16
N LEU A 72 9.72 22.86 -27.06
CA LEU A 72 8.84 22.91 -25.87
C LEU A 72 8.59 21.54 -25.20
N GLY A 73 9.39 20.55 -25.52
CA GLY A 73 9.18 19.19 -25.03
C GLY A 73 9.61 18.93 -23.60
N GLN A 74 10.43 19.81 -23.05
CA GLN A 74 11.08 19.56 -21.77
C GLN A 74 11.42 20.89 -21.10
N THR A 75 11.24 20.90 -19.79
CA THR A 75 11.55 22.06 -18.98
C THR A 75 12.43 21.58 -17.82
N THR A 76 13.39 22.41 -17.44
CA THR A 76 14.26 22.19 -16.29
C THR A 76 14.15 23.40 -15.42
N LEU A 77 13.70 23.18 -14.18
CA LEU A 77 13.64 24.23 -13.21
C LEU A 77 14.68 23.93 -12.11
N GLU A 78 15.68 24.77 -12.06
CA GLU A 78 16.72 24.69 -11.05
C GLU A 78 16.60 25.75 -10.00
N VAL A 79 16.82 25.37 -8.74
CA VAL A 79 16.85 26.33 -7.64
C VAL A 79 18.25 26.22 -7.01
N PHE A 80 18.95 27.35 -6.97
CA PHE A 80 20.27 27.48 -6.40
C PHE A 80 20.33 28.28 -5.12
N LYS A 81 21.42 28.16 -4.36
CA LYS A 81 21.68 29.13 -3.29
C LYS A 81 21.98 30.50 -3.89
N SER A 82 22.30 31.48 -3.04
CA SER A 82 22.54 32.84 -3.50
C SER A 82 23.79 32.97 -4.35
N ASP A 83 24.65 31.96 -4.36
CA ASP A 83 25.81 32.00 -5.22
C ASP A 83 25.44 31.68 -6.66
N GLY A 84 24.22 31.15 -6.85
CA GLY A 84 23.72 30.75 -8.16
C GLY A 84 24.47 29.57 -8.76
N SER A 85 25.07 28.77 -7.89
CA SER A 85 25.92 27.63 -8.27
C SER A 85 25.60 26.39 -7.45
N THR A 86 25.42 26.56 -6.14
CA THR A 86 25.06 25.46 -5.24
C THR A 86 23.55 25.13 -5.34
N LEU A 87 23.26 23.87 -5.66
CA LEU A 87 21.88 23.42 -5.93
C LEU A 87 21.06 23.21 -4.67
N VAL A 88 19.80 23.62 -4.78
CA VAL A 88 18.80 23.35 -3.77
C VAL A 88 17.87 22.25 -4.33
N SER A 89 17.38 22.45 -5.55
CA SER A 89 16.47 21.53 -6.17
C SER A 89 16.54 21.63 -7.67
N LYS A 90 16.03 20.58 -8.32
CA LYS A 90 15.95 20.54 -9.76
C LYS A 90 14.77 19.69 -10.14
N LYS A 91 13.95 20.20 -11.05
CA LYS A 91 12.78 19.48 -11.55
C LYS A 91 12.84 19.48 -13.07
N VAL A 92 12.87 18.29 -13.67
CA VAL A 92 12.82 18.14 -15.12
C VAL A 92 11.53 17.42 -15.48
N THR A 93 10.74 18.02 -16.36
CA THR A 93 9.52 17.41 -16.83
C THR A 93 9.52 17.35 -18.35
N SER A 94 8.94 16.28 -18.88
CA SER A 94 8.71 16.12 -20.33
C SER A 94 7.24 16.30 -20.70
N LYS A 95 7.02 16.41 -22.00
CA LYS A 95 5.69 16.58 -22.64
C LYS A 95 4.70 15.44 -22.32
N ASP A 96 5.23 14.24 -22.14
CA ASP A 96 4.41 13.06 -21.79
C ASP A 96 4.03 13.00 -20.30
N LYS A 97 4.40 14.03 -19.53
CA LYS A 97 4.04 14.14 -18.09
C LYS A 97 5.03 13.42 -17.16
N SER A 98 6.08 12.83 -17.72
CA SER A 98 7.12 12.21 -16.89
C SER A 98 7.99 13.29 -16.27
N SER A 99 8.45 13.08 -15.05
CA SER A 99 9.21 14.13 -14.42
C SER A 99 10.04 13.60 -13.29
N THR A 100 11.20 14.24 -13.09
CA THR A 100 12.08 13.89 -11.99
CA THR A 100 12.12 13.91 -12.03
C THR A 100 12.31 15.15 -11.16
N TYR A 101 12.20 14.99 -9.85
CA TYR A 101 12.36 16.07 -8.89
C TYR A 101 13.41 15.62 -7.90
N GLU A 102 14.43 16.47 -7.70
CA GLU A 102 15.57 16.16 -6.86
C GLU A 102 15.78 17.30 -5.89
N LEU A 103 15.94 16.97 -4.61
CA LEU A 103 16.33 17.91 -3.57
C LEU A 103 17.72 17.54 -3.10
N PHE A 104 18.55 18.55 -2.89
CA PHE A 104 19.94 18.34 -2.54
C PHE A 104 20.24 18.75 -1.11
N ASN A 105 21.16 18.02 -0.50
CA ASN A 105 21.63 18.32 0.84
C ASN A 105 22.84 19.27 0.80
N GLU A 106 23.24 19.75 1.97
CA GLU A 106 24.35 20.72 2.05
C GLU A 106 25.65 20.19 1.49
N LYS A 107 25.79 18.87 1.52
CA LYS A 107 26.92 18.18 0.90
C LYS A 107 26.90 18.25 -0.63
N GLY A 108 25.73 18.51 -1.23
CA GLY A 108 25.58 18.52 -2.69
C GLY A 108 25.13 17.20 -3.28
N GLU A 109 24.81 16.24 -2.42
CA GLU A 109 24.25 14.97 -2.88
C GLU A 109 22.72 14.98 -2.69
N LEU A 110 22.03 14.00 -3.29
CA LEU A 110 20.58 13.89 -3.15
C LEU A 110 20.13 13.56 -1.73
N SER A 111 19.15 14.31 -1.21
CA SER A 111 18.38 13.88 -0.04
C SER A 111 17.00 13.30 -0.42
N LEU A 112 16.53 13.60 -1.62
CA LEU A 112 15.24 13.15 -2.12
C LEU A 112 15.30 13.07 -3.63
N LYS A 113 14.78 11.97 -4.16
CA LYS A 113 14.55 11.82 -5.59
C LYS A 113 13.15 11.24 -5.82
N TYR A 114 12.38 11.88 -6.68
CA TYR A 114 11.00 11.50 -6.96
C TYR A 114 10.80 11.57 -8.48
N ILE A 115 10.54 10.41 -9.09
CA ILE A 115 10.21 10.31 -10.50
C ILE A 115 8.74 9.95 -10.63
N THR A 116 8.00 10.66 -11.48
CA THR A 116 6.62 10.29 -11.78
C THR A 116 6.50 10.21 -13.26
N ARG A 117 5.90 9.14 -13.77
CA ARG A 117 5.92 8.99 -15.21
C ARG A 117 4.63 8.93 -15.92
N ALA A 118 4.80 8.75 -17.23
CA ALA A 118 3.78 8.72 -18.24
C ALA A 118 2.62 7.83 -17.84
N ASP A 119 2.93 6.58 -17.52
CA ASP A 119 1.92 5.62 -17.06
C ASP A 119 1.55 5.75 -15.59
N LYS A 120 2.07 6.79 -14.96
CA LYS A 120 1.70 7.15 -13.61
C LYS A 120 2.34 6.22 -12.55
N SER A 121 3.33 5.43 -12.97
CA SER A 121 4.21 4.79 -12.02
C SER A 121 5.14 5.86 -11.50
N SER A 122 5.69 5.58 -10.34
CA SER A 122 6.55 6.55 -9.68
C SER A 122 7.48 5.87 -8.71
N THR A 123 8.59 6.54 -8.43
CA THR A 123 9.53 6.10 -7.43
C THR A 123 9.91 7.30 -6.60
N TYR A 124 9.77 7.12 -5.28
CA TYR A 124 10.06 8.14 -4.33
C TYR A 124 11.09 7.57 -3.39
N GLU A 125 12.20 8.28 -3.24
CA GLU A 125 13.32 7.84 -2.47
C GLU A 125 13.87 8.97 -1.61
N LEU A 126 14.09 8.68 -0.34
CA LEU A 126 14.79 9.59 0.56
C LEU A 126 16.14 8.95 0.93
N PHE A 127 17.13 9.81 1.11
CA PHE A 127 18.47 9.40 1.43
C PHE A 127 18.90 10.13 2.67
N ASN A 128 19.50 9.40 3.59
CA ASN A 128 19.97 9.95 4.86
C ASN A 128 21.30 10.67 4.70
N GLU A 129 21.86 11.13 5.80
CA GLU A 129 23.07 11.92 5.72
C GLU A 129 24.31 11.14 5.29
N LYS A 130 24.27 9.82 5.42
CA LYS A 130 25.38 8.93 4.96
C LYS A 130 25.39 8.73 3.44
N GLY A 131 24.33 9.15 2.75
CA GLY A 131 24.14 8.86 1.32
C GLY A 131 23.33 7.60 1.04
N GLU A 132 22.78 7.00 2.09
CA GLU A 132 22.19 5.68 1.98
C GLU A 132 20.68 5.84 1.88
N LEU A 133 20.04 4.95 1.13
CA LEU A 133 18.58 4.96 1.01
C LEU A 133 17.91 4.75 2.36
N SER A 134 17.03 5.67 2.76
CA SER A 134 16.33 5.56 4.05
C SER A 134 14.84 5.31 3.89
N LEU A 135 14.29 5.58 2.71
CA LEU A 135 12.90 5.29 2.41
C LEU A 135 12.75 5.13 0.92
N LYS A 136 12.01 4.12 0.51
CA LYS A 136 11.71 3.88 -0.90
C LYS A 136 10.24 3.55 -1.02
N TYR A 137 9.51 4.32 -1.82
CA TYR A 137 8.12 4.05 -2.12
C TYR A 137 7.95 4.03 -3.65
N ILE A 138 7.77 2.84 -4.21
CA ILE A 138 7.56 2.67 -5.63
C ILE A 138 6.12 2.28 -5.88
N THR A 139 5.49 2.98 -6.82
CA THR A 139 4.16 2.67 -7.28
C THR A 139 4.17 2.31 -8.74
N ARG A 140 3.37 1.33 -9.13
CA ARG A 140 3.41 0.79 -10.48
C ARG A 140 2.18 1.20 -11.24
N ALA A 141 2.22 1.00 -12.55
CA ALA A 141 1.11 1.41 -13.44
C ALA A 141 -0.23 0.74 -13.14
N ASP A 142 -0.19 -0.43 -12.50
CA ASP A 142 -1.39 -1.12 -12.04
C ASP A 142 -1.75 -0.82 -10.58
N LYS A 143 -1.14 0.22 -10.01
CA LYS A 143 -1.38 0.67 -8.64
C LYS A 143 -0.83 -0.24 -7.54
N SER A 144 -0.16 -1.34 -7.90
CA SER A 144 0.66 -2.06 -6.93
C SER A 144 1.77 -1.13 -6.40
N SER A 145 2.25 -1.41 -5.20
CA SER A 145 3.34 -0.63 -4.64
C SER A 145 4.15 -1.39 -3.62
N THR A 146 5.34 -0.88 -3.36
CA THR A 146 6.10 -1.36 -2.24
C THR A 146 6.75 -0.20 -1.52
N TYR A 147 6.62 -0.24 -0.21
CA TYR A 147 7.07 0.80 0.67
C TYR A 147 8.03 0.19 1.66
N GLU A 148 9.20 0.81 1.80
CA GLU A 148 10.18 0.41 2.79
C GLU A 148 10.75 1.63 3.49
N LEU A 149 10.67 1.62 4.82
CA LEU A 149 11.31 2.60 5.66
C LEU A 149 12.39 1.92 6.49
N PHE A 150 13.59 2.49 6.45
CA PHE A 150 14.72 1.96 7.20
C PHE A 150 15.01 2.83 8.41
N ASN A 151 15.64 2.24 9.42
CA ASN A 151 15.98 2.98 10.62
C ASN A 151 17.39 3.62 10.46
N GLU A 152 17.86 4.33 11.48
CA GLU A 152 19.17 4.99 11.42
C GLU A 152 20.31 4.03 11.21
N LYS A 153 20.18 2.83 11.77
CA LYS A 153 21.16 1.76 11.63
C LYS A 153 21.14 1.17 10.22
N GLY A 154 20.07 1.43 9.48
CA GLY A 154 19.94 0.95 8.09
C GLY A 154 19.22 -0.38 7.98
N GLU A 155 18.58 -0.78 9.06
CA GLU A 155 17.74 -1.98 9.07
C GLU A 155 16.28 -1.58 8.78
N LEU A 156 15.51 -2.54 8.32
CA LEU A 156 14.11 -2.29 8.01
C LEU A 156 13.32 -1.95 9.29
N SER A 157 12.49 -0.91 9.22
CA SER A 157 11.68 -0.47 10.21
CA SER A 157 11.61 -0.55 10.34
C SER A 157 10.15 -0.78 9.97
N GLU A 158 9.82 -0.64 8.70
CA GLU A 158 8.44 -0.76 8.22
C GLU A 158 8.44 -1.16 6.76
N LYS A 159 7.55 -2.07 6.38
CA LYS A 159 7.48 -2.55 5.02
C LYS A 159 6.03 -2.89 4.64
N LYS A 160 5.59 -2.38 3.50
CA LYS A 160 4.30 -2.75 2.95
C LYS A 160 4.43 -3.09 1.48
N ILE A 161 4.05 -4.31 1.13
CA ILE A 161 3.92 -4.71 -0.26
C ILE A 161 2.43 -4.84 -0.61
N THR A 162 1.98 -4.05 -1.58
CA THR A 162 0.60 -4.06 -2.04
C THR A 162 0.57 -4.52 -3.49
N ARG A 163 -0.30 -5.50 -3.74
CA ARG A 163 -0.40 -6.14 -5.03
C ARG A 163 -1.53 -5.51 -5.86
N ALA A 164 -1.57 -5.85 -7.14
CA ALA A 164 -2.51 -5.25 -8.08
C ALA A 164 -3.97 -5.61 -7.76
N ASP A 165 -4.18 -6.75 -7.10
CA ASP A 165 -5.52 -7.20 -6.64
C ASP A 165 -5.94 -6.63 -5.29
N LYS A 166 -5.12 -5.72 -4.76
CA LYS A 166 -5.38 -5.00 -3.52
C LYS A 166 -4.99 -5.78 -2.24
N SER A 167 -4.55 -7.02 -2.40
CA SER A 167 -3.98 -7.75 -1.26
C SER A 167 -2.65 -7.09 -0.85
N SER A 168 -2.25 -7.28 0.39
CA SER A 168 -1.02 -6.67 0.89
C SER A 168 -0.45 -7.37 2.10
N THR A 169 0.86 -7.21 2.28
CA THR A 169 1.54 -7.63 3.49
C THR A 169 2.19 -6.41 4.13
N TYR A 170 1.77 -6.09 5.36
CA TYR A 170 2.33 -4.99 6.14
C TYR A 170 3.13 -5.55 7.32
N GLU A 171 4.39 -5.12 7.45
CA GLU A 171 5.29 -5.55 8.52
C GLU A 171 5.88 -4.39 9.30
N LEU A 172 5.85 -4.49 10.63
CA LEU A 172 6.51 -3.54 11.52
C LEU A 172 7.58 -4.27 12.33
N PHE A 173 8.74 -3.64 12.42
CA PHE A 173 9.86 -4.17 13.15
C PHE A 173 10.15 -3.28 14.36
N ASN A 174 10.69 -3.89 15.41
CA ASN A 174 11.12 -3.15 16.59
C ASN A 174 12.41 -2.40 16.33
N GLU A 175 12.91 -1.75 17.36
CA GLU A 175 14.08 -0.88 17.24
C GLU A 175 15.37 -1.63 16.99
N LYS A 176 15.39 -2.92 17.28
CA LYS A 176 16.49 -3.82 16.89
C LYS A 176 16.28 -4.41 15.48
N GLY A 177 15.22 -4.03 14.79
CA GLY A 177 14.96 -4.51 13.43
C GLY A 177 14.36 -5.91 13.34
N GLU A 178 13.86 -6.42 14.47
CA GLU A 178 13.15 -7.73 14.53
C GLU A 178 11.66 -7.56 14.26
N LEU A 179 11.07 -8.53 13.57
CA LEU A 179 9.63 -8.48 13.22
C LEU A 179 8.75 -8.50 14.47
N SER A 180 7.84 -7.52 14.55
CA SER A 180 6.96 -7.31 15.71
C SER A 180 5.48 -7.51 15.41
N LEU A 181 5.10 -7.12 14.20
CA LEU A 181 3.70 -7.08 13.78
C LEU A 181 3.65 -7.40 12.30
N LYS A 182 2.67 -8.20 11.88
CA LYS A 182 2.45 -8.49 10.46
C LYS A 182 0.96 -8.58 10.20
N TYR A 183 0.49 -7.75 9.28
CA TYR A 183 -0.87 -7.79 8.77
C TYR A 183 -0.87 -8.32 7.33
N ILE A 184 -1.64 -9.37 7.08
CA ILE A 184 -1.80 -9.91 5.74
C ILE A 184 -3.23 -9.57 5.37
N THR A 185 -3.41 -8.67 4.40
CA THR A 185 -4.73 -8.33 3.90
C THR A 185 -4.98 -9.05 2.60
N ARG A 186 -6.11 -9.76 2.54
CA ARG A 186 -6.47 -10.50 1.34
C ARG A 186 -7.12 -9.58 0.32
N ALA A 187 -7.27 -10.08 -0.91
CA ALA A 187 -7.85 -9.28 -1.99
C ALA A 187 -9.27 -8.83 -1.66
N ASP A 188 -10.02 -9.66 -0.92
CA ASP A 188 -11.41 -9.33 -0.52
C ASP A 188 -11.54 -8.42 0.70
N GLY A 189 -10.42 -8.00 1.28
CA GLY A 189 -10.42 -7.11 2.44
C GLY A 189 -10.28 -7.80 3.79
N THR A 190 -10.45 -9.12 3.82
CA THR A 190 -10.29 -9.86 5.07
C THR A 190 -8.79 -9.84 5.43
N ARG A 191 -8.49 -10.01 6.70
CA ARG A 191 -7.13 -9.86 7.21
C ARG A 191 -6.72 -10.90 8.23
N LEU A 192 -5.47 -11.33 8.17
CA LEU A 192 -4.85 -12.02 9.29
C LEU A 192 -3.89 -11.03 9.96
N GLU A 193 -4.08 -10.81 11.26
CA GLU A 193 -3.27 -9.90 12.05
C GLU A 193 -2.44 -10.65 13.07
N TYR A 194 -1.12 -10.54 12.93
CA TYR A 194 -0.17 -11.15 13.87
C TYR A 194 0.53 -10.09 14.68
N THR A 195 0.41 -10.17 15.99
CA THR A 195 0.98 -9.18 16.90
C THR A 195 1.71 -9.90 18.02
N GLY A 196 2.63 -9.17 18.67
CA GLY A 196 3.41 -9.73 19.77
C GLY A 196 4.27 -10.88 19.29
N ILE A 197 4.76 -10.79 18.06
CA ILE A 197 5.58 -11.82 17.48
C ILE A 197 6.92 -11.90 18.22
N LYS A 198 7.31 -13.13 18.58
CA LYS A 198 8.48 -13.39 19.41
C LYS A 198 9.59 -14.04 18.60
N SER A 199 10.81 -14.00 19.14
CA SER A 199 11.99 -14.62 18.48
CA SER A 199 11.96 -14.61 18.51
C SER A 199 11.70 -16.02 17.97
N ASP A 200 10.96 -16.79 18.76
CA ASP A 200 10.64 -18.19 18.45
C ASP A 200 9.47 -18.37 17.46
N GLY A 201 8.93 -17.27 16.94
CA GLY A 201 8.03 -17.30 15.80
C GLY A 201 6.57 -17.47 16.15
N SER A 202 6.25 -17.47 17.43
CA SER A 202 4.90 -17.57 17.90
C SER A 202 4.36 -16.17 18.18
N GLY A 203 3.05 -16.05 18.31
CA GLY A 203 2.42 -14.78 18.64
C GLY A 203 0.92 -14.86 18.68
N LYS A 204 0.26 -13.71 18.89
CA LYS A 204 -1.19 -13.63 18.88
C LYS A 204 -1.69 -13.53 17.45
N ALA A 205 -2.79 -14.21 17.13
CA ALA A 205 -3.43 -14.11 15.82
C ALA A 205 -4.87 -13.61 15.92
N LYS A 206 -5.28 -12.85 14.91
CA LYS A 206 -6.68 -12.56 14.68
C LYS A 206 -6.96 -12.64 13.20
N GLU A 207 -8.09 -13.24 12.85
CA GLU A 207 -8.56 -13.19 11.48
C GLU A 207 -9.75 -12.27 11.44
N VAL A 208 -9.63 -11.20 10.65
CA VAL A 208 -10.68 -10.20 10.56
C VAL A 208 -11.53 -10.52 9.32
N LEU A 209 -12.74 -11.00 9.56
CA LEU A 209 -13.61 -11.45 8.49
C LEU A 209 -14.70 -10.40 8.35
N LYS A 210 -15.59 -10.55 7.38
CA LYS A 210 -16.59 -9.50 7.16
C LYS A 210 -17.72 -9.64 8.21
N GLY A 211 -17.68 -8.76 9.20
CA GLY A 211 -18.69 -8.70 10.24
C GLY A 211 -18.21 -9.10 11.62
N TYR A 212 -17.13 -9.87 11.68
CA TYR A 212 -16.67 -10.42 12.98
C TYR A 212 -15.20 -10.80 12.91
N VAL A 213 -14.67 -11.07 14.09
CA VAL A 213 -13.25 -11.34 14.23
C VAL A 213 -13.03 -12.66 14.97
N LEU A 214 -12.09 -13.49 14.49
CA LEU A 214 -11.68 -14.69 15.20
C LEU A 214 -10.35 -14.37 15.86
N GLU A 215 -10.08 -14.99 16.99
CA GLU A 215 -8.83 -14.78 17.71
C GLU A 215 -8.19 -16.12 17.96
N GLY A 216 -6.88 -16.10 18.10
CA GLY A 216 -6.14 -17.32 18.27
C GLY A 216 -4.68 -17.06 18.47
N THR A 217 -3.85 -17.94 17.93
CA THR A 217 -2.43 -17.90 18.18
C THR A 217 -1.70 -18.31 16.92
N LEU A 218 -0.44 -17.90 16.83
CA LEU A 218 0.47 -18.34 15.78
C LEU A 218 1.56 -19.18 16.45
N THR A 219 1.95 -20.27 15.82
CA THR A 219 3.10 -21.04 16.25
C THR A 219 3.98 -21.28 15.04
N ALA A 220 5.04 -22.06 15.22
CA ALA A 220 5.92 -22.42 14.11
C ALA A 220 5.19 -23.21 13.01
N GLU A 221 4.32 -24.15 13.39
CA GLU A 221 3.62 -25.00 12.40
C GLU A 221 2.39 -24.36 11.76
N LYS A 222 1.57 -23.64 12.54
CA LYS A 222 0.32 -23.13 11.97
C LYS A 222 -0.34 -21.96 12.74
N THR A 223 -1.35 -21.37 12.12
CA THR A 223 -2.23 -20.37 12.76
C THR A 223 -3.49 -21.10 13.12
N THR A 224 -3.97 -20.90 14.36
CA THR A 224 -5.13 -21.60 14.85
C THR A 224 -6.00 -20.59 15.54
N LEU A 225 -7.20 -20.42 15.00
CA LEU A 225 -8.19 -19.53 15.58
C LEU A 225 -9.19 -20.41 16.30
N VAL A 226 -9.72 -19.94 17.42
CA VAL A 226 -10.52 -20.79 18.31
C VAL A 226 -11.80 -20.11 18.66
N VAL A 227 -12.91 -20.83 18.54
CA VAL A 227 -14.18 -20.33 19.08
C VAL A 227 -14.66 -21.38 20.07
N LYS A 228 -14.95 -20.95 21.29
CA LYS A 228 -15.42 -21.85 22.36
C LYS A 228 -16.81 -21.44 22.78
N GLU A 229 -17.71 -22.41 22.89
CA GLU A 229 -19.04 -22.20 23.46
C GLU A 229 -19.32 -23.34 24.43
N GLY A 230 -19.18 -23.06 25.72
CA GLY A 230 -19.36 -24.09 26.76
C GLY A 230 -18.32 -25.18 26.63
N THR A 231 -18.77 -26.41 26.51
CA THR A 231 -17.88 -27.58 26.48
C THR A 231 -17.33 -27.79 25.09
N VAL A 232 -17.82 -27.03 24.11
CA VAL A 232 -17.41 -27.30 22.69
C VAL A 232 -16.40 -26.28 22.22
N THR A 233 -15.30 -26.75 21.64
CA THR A 233 -14.30 -25.86 21.08
C THR A 233 -14.04 -26.15 19.62
N LEU A 234 -14.18 -25.10 18.82
CA LEU A 234 -13.96 -25.13 17.40
C LEU A 234 -12.59 -24.52 17.12
N SER A 235 -11.79 -25.22 16.35
CA SER A 235 -10.47 -24.73 15.95
C SER A 235 -10.31 -24.73 14.44
N LYS A 236 -10.02 -23.55 13.89
CA LYS A 236 -9.68 -23.40 12.48
C LYS A 236 -8.16 -23.27 12.35
N ASN A 237 -7.54 -24.22 11.66
CA ASN A 237 -6.11 -24.22 11.50
C ASN A 237 -5.79 -23.81 10.07
N ILE A 238 -4.83 -22.91 9.90
CA ILE A 238 -4.35 -22.56 8.57
C ILE A 238 -2.89 -22.95 8.52
N SER A 239 -2.57 -23.77 7.53
CA SER A 239 -1.25 -24.34 7.41
C SER A 239 -0.35 -23.37 6.68
N LYS A 240 0.93 -23.75 6.60
CA LYS A 240 1.90 -22.95 5.87
C LYS A 240 1.54 -22.81 4.38
N SER A 241 0.94 -23.85 3.79
CA SER A 241 0.58 -23.82 2.36
C SER A 241 -0.70 -23.03 2.07
N GLY A 242 -1.38 -22.58 3.13
CA GLY A 242 -2.69 -21.93 3.02
C GLY A 242 -3.82 -22.93 3.20
N GLU A 243 -3.47 -24.19 3.49
CA GLU A 243 -4.47 -25.23 3.67
C GLU A 243 -5.19 -25.09 5.02
N VAL A 244 -6.51 -25.13 4.99
CA VAL A 244 -7.33 -25.03 6.19
C VAL A 244 -7.80 -26.42 6.62
N SER A 245 -7.74 -26.66 7.93
CA SER A 245 -8.31 -27.84 8.57
C SER A 245 -9.05 -27.38 9.81
N VAL A 246 -10.22 -27.95 10.08
CA VAL A 246 -11.05 -27.56 11.22
C VAL A 246 -11.27 -28.79 12.13
N GLU A 247 -11.30 -28.52 13.44
CA GLU A 247 -11.41 -29.53 14.48
C GLU A 247 -12.50 -29.10 15.44
N LEU A 248 -13.26 -30.05 15.96
CA LEU A 248 -14.27 -29.75 16.95
C LEU A 248 -14.04 -30.67 18.13
N ASN A 249 -14.01 -30.12 19.33
CA ASN A 249 -13.81 -30.94 20.53
C ASN A 249 -14.86 -30.57 21.54
N ASP A 250 -15.49 -31.60 22.12
CA ASP A 250 -16.58 -31.37 23.08
C ASP A 250 -16.21 -32.15 24.33
N THR A 251 -16.11 -31.45 25.46
CA THR A 251 -15.84 -32.09 26.75
C THR A 251 -17.09 -32.68 27.46
N ASP A 252 -18.24 -32.63 26.78
CA ASP A 252 -19.52 -33.21 27.24
C ASP A 252 -19.47 -34.71 26.95
N SER A 253 -19.52 -35.52 28.00
CA SER A 253 -19.49 -36.98 27.85
C SER A 253 -20.90 -37.55 27.61
N SER A 254 -21.93 -36.72 27.81
CA SER A 254 -23.28 -37.19 27.66
C SER A 254 -23.50 -37.67 26.21
N ALA A 255 -23.74 -38.97 26.05
CA ALA A 255 -24.00 -39.59 24.75
C ALA A 255 -25.13 -38.90 24.02
N ALA A 256 -26.11 -38.42 24.79
CA ALA A 256 -27.31 -37.77 24.24
C ALA A 256 -27.07 -36.41 23.59
N THR A 257 -26.09 -35.66 24.09
CA THR A 257 -25.84 -34.30 23.61
C THR A 257 -24.43 -34.00 23.09
N LYS A 258 -23.51 -34.94 23.24
CA LYS A 258 -22.12 -34.70 22.84
C LYS A 258 -22.04 -34.41 21.35
N LYS A 259 -21.22 -33.45 20.97
CA LYS A 259 -20.96 -33.15 19.57
C LYS A 259 -19.71 -33.83 19.12
N THR A 260 -19.77 -34.45 17.94
CA THR A 260 -18.58 -34.93 17.26
C THR A 260 -18.63 -34.37 15.85
N ALA A 261 -17.48 -34.22 15.22
CA ALA A 261 -17.41 -33.64 13.88
C ALA A 261 -16.38 -34.32 13.01
N ALA A 262 -16.68 -34.35 11.72
CA ALA A 262 -15.81 -34.90 10.70
C ALA A 262 -15.53 -33.82 9.67
N TRP A 263 -14.25 -33.55 9.48
CA TRP A 263 -13.78 -32.56 8.50
C TRP A 263 -13.63 -33.23 7.13
N ASN A 264 -14.02 -32.53 6.07
CA ASN A 264 -13.72 -33.00 4.71
C ASN A 264 -12.96 -31.90 3.98
N SER A 265 -11.66 -32.09 3.78
CA SER A 265 -10.83 -31.05 3.19
C SER A 265 -11.13 -30.83 1.69
N GLY A 266 -11.63 -31.87 1.03
CA GLY A 266 -12.04 -31.77 -0.37
C GLY A 266 -13.19 -30.80 -0.55
N THR A 267 -14.13 -30.82 0.40
CA THR A 267 -15.29 -29.92 0.39
C THR A 267 -15.20 -28.77 1.42
N SER A 268 -14.05 -28.64 2.07
CA SER A 268 -13.83 -27.66 3.12
C SER A 268 -15.01 -27.58 4.07
N THR A 269 -15.52 -28.74 4.46
CA THR A 269 -16.75 -28.80 5.29
C THR A 269 -16.57 -29.63 6.55
N LEU A 270 -17.04 -29.10 7.67
CA LEU A 270 -17.10 -29.84 8.91
C LEU A 270 -18.56 -30.24 9.10
N THR A 271 -18.81 -31.55 9.21
CA THR A 271 -20.16 -32.06 9.46
C THR A 271 -20.26 -32.39 10.94
N ILE A 272 -21.25 -31.81 11.62
CA ILE A 272 -21.47 -32.06 13.05
C ILE A 272 -22.55 -33.12 13.27
N THR A 273 -22.32 -33.98 14.26
CA THR A 273 -23.21 -35.10 14.62
C THR A 273 -23.46 -35.08 16.11
N VAL A 274 -24.71 -35.34 16.49
CA VAL A 274 -25.11 -35.45 17.88
C VAL A 274 -26.00 -36.69 17.99
N ASN A 275 -25.69 -37.57 18.94
CA ASN A 275 -26.51 -38.76 19.20
C ASN A 275 -26.72 -39.60 17.92
N SER A 276 -25.65 -39.81 17.15
CA SER A 276 -25.69 -40.59 15.89
C SER A 276 -26.43 -39.93 14.71
N LYS A 277 -26.94 -38.71 14.90
CA LYS A 277 -27.70 -37.98 13.86
C LYS A 277 -26.98 -36.69 13.45
N LYS A 278 -26.77 -36.51 12.15
CA LYS A 278 -26.16 -35.29 11.63
C LYS A 278 -27.06 -34.09 11.90
N THR A 279 -26.44 -33.00 12.35
CA THR A 279 -27.17 -31.80 12.78
C THR A 279 -26.89 -30.59 11.89
N LYS A 280 -25.64 -30.42 11.47
CA LYS A 280 -25.29 -29.35 10.52
C LYS A 280 -23.93 -29.45 9.81
N ASP A 281 -23.85 -28.70 8.72
CA ASP A 281 -22.65 -28.57 7.93
C ASP A 281 -22.12 -27.15 8.08
N LEU A 282 -20.88 -27.03 8.54
CA LEU A 282 -20.17 -25.75 8.55
C LEU A 282 -19.19 -25.79 7.43
N VAL A 283 -19.30 -24.86 6.49
CA VAL A 283 -18.48 -24.89 5.29
C VAL A 283 -17.52 -23.71 5.33
N PHE A 284 -16.24 -24.01 5.16
CA PHE A 284 -15.22 -22.97 5.26
C PHE A 284 -14.76 -22.61 3.86
N THR A 285 -15.30 -21.49 3.36
CA THR A 285 -15.28 -21.20 1.93
C THR A 285 -13.97 -20.56 1.48
N SER A 286 -13.66 -20.74 0.20
CA SER A 286 -12.50 -20.11 -0.41
C SER A 286 -12.70 -18.60 -0.48
N SER A 287 -13.93 -18.14 -0.28
CA SER A 287 -14.25 -16.72 -0.21
C SER A 287 -14.13 -16.14 1.19
N ASN A 288 -13.53 -16.90 2.11
CA ASN A 288 -13.23 -16.42 3.47
C ASN A 288 -14.49 -16.10 4.24
N THR A 289 -15.47 -16.98 4.05
CA THR A 289 -16.73 -16.90 4.75
C THR A 289 -16.97 -18.27 5.35
N ILE A 290 -17.93 -18.32 6.24
CA ILE A 290 -18.36 -19.56 6.85
C ILE A 290 -19.86 -19.59 6.68
N THR A 291 -20.37 -20.68 6.11
CA THR A 291 -21.82 -20.89 6.03
C THR A 291 -22.21 -22.01 6.99
N VAL A 292 -23.44 -21.92 7.48
CA VAL A 292 -24.02 -22.97 8.31
C VAL A 292 -25.29 -23.49 7.63
N GLN A 293 -25.42 -24.82 7.55
CA GLN A 293 -26.67 -25.43 7.09
C GLN A 293 -27.03 -26.62 7.97
N GLN A 294 -28.32 -26.69 8.34
CA GLN A 294 -28.89 -27.76 9.17
C GLN A 294 -29.32 -28.96 8.37
N TYR A 295 -29.28 -30.14 8.99
CA TYR A 295 -30.00 -31.30 8.47
C TYR A 295 -31.42 -31.32 9.02
N ASP A 296 -32.25 -32.18 8.42
CA ASP A 296 -33.56 -32.51 8.96
C ASP A 296 -33.40 -33.33 10.26
N SER A 297 -34.49 -33.53 10.99
CA SER A 297 -34.43 -34.09 12.34
C SER A 297 -34.06 -35.58 12.37
N ASN A 298 -34.18 -36.26 11.23
CA ASN A 298 -33.76 -37.65 11.11
C ASN A 298 -32.27 -37.73 10.84
N GLY A 299 -31.69 -36.60 10.43
CA GLY A 299 -30.27 -36.50 10.09
C GLY A 299 -29.97 -37.09 8.72
N THR A 300 -31.00 -37.16 7.87
CA THR A 300 -30.89 -37.80 6.55
C THR A 300 -30.19 -36.89 5.54
N SER A 301 -30.73 -35.69 5.37
CA SER A 301 -30.15 -34.73 4.43
C SER A 301 -30.41 -33.28 4.83
N LEU A 302 -29.63 -32.39 4.23
CA LEU A 302 -29.68 -30.96 4.55
C LEU A 302 -31.05 -30.42 4.20
N GLU A 303 -31.54 -29.47 4.99
CA GLU A 303 -32.77 -28.76 4.66
C GLU A 303 -32.49 -27.27 4.48
N GLY A 304 -33.40 -26.60 3.80
CA GLY A 304 -33.29 -25.16 3.54
C GLY A 304 -32.13 -24.81 2.63
N SER A 305 -31.55 -23.64 2.84
CA SER A 305 -30.30 -23.26 2.20
C SER A 305 -29.25 -22.95 3.26
N ALA A 306 -28.00 -22.91 2.80
CA ALA A 306 -26.88 -22.50 3.63
C ALA A 306 -27.02 -21.01 3.98
N VAL A 307 -26.78 -20.67 5.24
CA VAL A 307 -26.72 -19.27 5.69
C VAL A 307 -25.26 -18.86 5.91
N GLU A 308 -24.86 -17.77 5.26
CA GLU A 308 -23.53 -17.18 5.47
C GLU A 308 -23.47 -16.44 6.81
N ILE A 309 -22.45 -16.77 7.62
CA ILE A 309 -22.28 -16.16 8.94
C ILE A 309 -21.67 -14.77 8.83
N THR A 310 -22.26 -13.81 9.53
CA THR A 310 -21.77 -12.43 9.60
C THR A 310 -21.49 -11.93 11.04
N LYS A 311 -21.71 -12.80 12.03
CA LYS A 311 -21.44 -12.49 13.43
C LYS A 311 -20.94 -13.71 14.20
N LEU A 312 -19.98 -13.46 15.08
CA LEU A 312 -19.35 -14.49 15.93
C LEU A 312 -20.36 -15.33 16.72
N ASP A 313 -21.36 -14.66 17.30
CA ASP A 313 -22.42 -15.37 18.00
C ASP A 313 -23.09 -16.47 17.16
N GLU A 314 -23.22 -16.27 15.86
CA GLU A 314 -23.76 -17.30 14.98
C GLU A 314 -22.91 -18.57 14.97
N ILE A 315 -21.59 -18.41 15.10
CA ILE A 315 -20.70 -19.57 15.21
C ILE A 315 -20.96 -20.24 16.55
N LYS A 316 -21.00 -19.44 17.60
CA LYS A 316 -21.26 -19.95 18.94
CA LYS A 316 -21.26 -19.95 18.94
C LYS A 316 -22.57 -20.73 18.98
N ASN A 317 -23.61 -20.14 18.40
CA ASN A 317 -24.93 -20.78 18.32
C ASN A 317 -24.85 -22.15 17.65
N ALA A 318 -24.06 -22.27 16.60
CA ALA A 318 -23.87 -23.53 15.89
C ALA A 318 -23.18 -24.63 16.71
N LEU A 319 -22.49 -24.24 17.79
CA LEU A 319 -21.73 -25.16 18.62
C LEU A 319 -22.50 -25.53 19.89
N LYS A 320 -23.65 -24.90 20.11
CA LYS A 320 -24.48 -25.22 21.28
C LYS A 320 -25.12 -26.60 21.12
O1 PG4 B . 5.98 23.49 -11.63
C1 PG4 B . 6.90 23.65 -10.55
C2 PG4 B . 6.27 23.17 -9.26
O2 PG4 B . 7.19 23.28 -8.18
C3 PG4 B . 7.92 22.09 -7.93
C4 PG4 B . 7.14 21.14 -7.05
O3 PG4 B . 7.39 19.81 -7.50
C5 PG4 B . 7.21 18.83 -6.48
C6 PG4 B . 7.26 17.43 -7.08
O4 PG4 B . 6.53 17.40 -8.32
C7 PG4 B . 6.16 16.09 -8.74
C8 PG4 B . 6.33 15.91 -10.24
O5 PG4 B . 5.48 16.81 -10.98
O1 PG4 C . 2.11 2.33 5.87
C1 PG4 C . 2.17 3.33 4.84
C2 PG4 C . 2.68 2.74 3.54
O2 PG4 C . 1.99 3.32 2.43
C3 PG4 C . 1.65 2.41 1.37
C4 PG4 C . 0.41 2.94 0.64
O3 PG4 C . -0.47 1.90 0.26
C5 PG4 C . -1.37 1.50 1.30
C6 PG4 C . -2.41 0.49 0.84
O4 PG4 C . -3.33 0.12 1.88
C7 PG4 C . -2.69 -0.33 3.07
C8 PG4 C . -3.54 -1.29 3.88
O5 PG4 C . -2.73 -1.88 4.91
#